data_7DJQ
#
_entry.id   7DJQ
#
_cell.length_a   47.080
_cell.length_b   98.940
_cell.length_c   70.290
_cell.angle_alpha   90.000
_cell.angle_beta   95.770
_cell.angle_gamma   90.000
#
_symmetry.space_group_name_H-M   'P 1 21 1'
#
loop_
_entity.id
_entity.type
_entity.pdbx_description
1 polymer 'C-Terminal peptide of ribosomal S4 Domain protein'
2 polymer 'Cysteine synthase'
3 non-polymer 'SODIUM ION'
4 water water
#
loop_
_entity_poly.entity_id
_entity_poly.type
_entity_poly.pdbx_seq_one_letter_code
_entity_poly.pdbx_strand_id
1 'polypeptide(L)' EEYREDFSI C
2 'polypeptide(L)'
;MGSSHHHHHHSSGLVPRGSHMASMTGGQQMGRGSMAIYADNSYSIGNTPLVRLKHFGHNGNVVVKIEGRNPSYSV(LLP)
CRIGANMVWQAEKDGTLTKGKEIVEPTSGNTGIALAYVAAARGYKITLTMPETMSLERKRLLCGLGVNLVLTEGAKGMKG
AIAKAEEIVASDPSRYVMLKQFENPANPQIHRETTGPEIWKDTDGKVDVVVAGVGTGGSITGISRAIKLDFGKQITSVAV
EPVESPVISQTLAGEEVKPGPHKIQGIGAGFIPKNLDLSIIDRVETVDSDTALATARRLMAEEGILAGISSGAAVAAADR
LAKLPEFADKLIVVILPSASERYLSTALFEGIEG
;
B,A
#
loop_
_chem_comp.id
_chem_comp.type
_chem_comp.name
_chem_comp.formula
NA non-polymer 'SODIUM ION' 'Na 1'
#
# COMPACT_ATOMS: atom_id res chain seq x y z
N GLU A 5 8.52 -12.10 -25.44
CA GLU A 5 7.03 -12.27 -25.43
C GLU A 5 6.46 -11.27 -24.43
N PHE A 7 5.02 -10.27 -21.45
CA PHE A 7 4.54 -10.42 -20.05
C PHE A 7 5.20 -9.35 -19.17
N SER A 8 4.58 -9.04 -18.05
CA SER A 8 4.99 -7.99 -17.10
C SER A 8 5.02 -8.49 -15.66
N ILE A 9 6.16 -9.08 -15.20
CA ILE A 9 6.27 -9.74 -13.89
C ILE A 9 7.48 -9.18 -13.11
N MET B 35 -8.83 -16.29 14.13
CA MET B 35 -9.64 -15.99 12.92
C MET B 35 -9.56 -14.50 12.62
N ALA B 36 -8.53 -14.07 11.91
CA ALA B 36 -8.29 -12.66 11.59
C ALA B 36 -8.79 -12.38 10.17
N ILE B 37 -10.11 -12.46 10.00
CA ILE B 37 -10.80 -12.16 8.75
C ILE B 37 -11.75 -11.00 8.98
N TYR B 38 -11.43 -9.85 8.38
CA TYR B 38 -12.24 -8.66 8.54
C TYR B 38 -13.48 -8.75 7.66
N ALA B 39 -14.63 -8.29 8.17
CA ALA B 39 -15.97 -8.40 7.53
C ALA B 39 -16.10 -7.49 6.32
N ASP B 40 -15.32 -6.43 6.26
CA ASP B 40 -15.24 -5.49 5.12
C ASP B 40 -13.87 -4.79 5.21
N ASN B 41 -13.48 -4.05 4.18
CA ASN B 41 -12.13 -3.48 4.09
C ASN B 41 -11.89 -2.39 5.13
N SER B 42 -12.94 -1.73 5.62
CA SER B 42 -12.74 -0.63 6.57
C SER B 42 -12.12 -1.11 7.88
N TYR B 43 -12.31 -2.38 8.24
CA TYR B 43 -11.75 -2.93 9.47
C TYR B 43 -10.27 -3.26 9.38
N SER B 44 -9.64 -3.18 8.21
CA SER B 44 -8.24 -3.54 8.06
C SER B 44 -7.32 -2.34 8.22
N ILE B 45 -7.84 -1.22 8.76
CA ILE B 45 -7.02 -0.05 8.96
C ILE B 45 -5.91 -0.34 9.97
N GLY B 46 -4.78 0.33 9.81
CA GLY B 46 -3.83 0.45 10.88
C GLY B 46 -2.82 -0.68 10.95
N ASN B 47 -2.22 -0.80 12.15
CA ASN B 47 -1.12 -1.72 12.39
C ASN B 47 0.01 -1.53 11.38
N THR B 48 0.33 -0.26 11.11
CA THR B 48 1.36 0.09 10.14
C THR B 48 2.76 -0.05 10.77
N PRO B 49 3.80 -0.30 9.96
CA PRO B 49 5.10 -0.66 10.53
C PRO B 49 5.95 0.53 10.92
N LEU B 50 6.81 0.30 11.91
CA LEU B 50 7.90 1.20 12.26
C LEU B 50 9.16 0.71 11.56
N VAL B 51 9.80 1.58 10.79
CA VAL B 51 11.08 1.28 10.13
C VAL B 51 12.11 2.32 10.58
N ARG B 52 13.20 1.85 11.15
CA ARG B 52 14.29 2.75 11.54
C ARG B 52 15.04 3.23 10.29
N LEU B 53 15.41 4.50 10.24
CA LEU B 53 16.18 5.09 9.13
C LEU B 53 17.68 4.92 9.38
N LYS B 54 18.44 4.50 8.39
CA LYS B 54 19.91 4.33 8.39
C LYS B 54 20.64 5.63 8.04
N HIS B 55 20.09 6.55 7.24
CA HIS B 55 20.87 7.69 6.78
C HIS B 55 20.31 9.03 7.28
N PHE B 56 19.54 8.99 8.35
CA PHE B 56 19.05 10.18 9.05
C PHE B 56 19.28 9.98 10.54
N GLY B 57 19.24 11.08 11.29
CA GLY B 57 19.27 10.98 12.73
C GLY B 57 20.64 10.62 13.31
N HIS B 58 20.61 10.27 14.59
CA HIS B 58 21.81 10.05 15.37
C HIS B 58 21.76 8.66 15.98
N ASN B 59 22.59 7.76 15.45
CA ASN B 59 22.67 6.40 15.96
C ASN B 59 21.28 5.73 16.01
N GLY B 60 20.53 5.90 14.93
CA GLY B 60 19.25 5.22 14.78
C GLY B 60 18.10 5.79 15.59
N ASN B 61 18.13 7.06 15.94
CA ASN B 61 17.08 7.61 16.78
C ASN B 61 15.89 8.17 15.99
N VAL B 62 15.83 7.94 14.68
CA VAL B 62 14.69 8.39 13.87
C VAL B 62 14.01 7.16 13.25
N VAL B 63 12.78 6.92 13.65
CA VAL B 63 11.97 5.77 13.25
C VAL B 63 10.69 6.31 12.62
N VAL B 64 10.33 5.79 11.45
CA VAL B 64 9.21 6.31 10.67
C VAL B 64 8.05 5.33 10.75
N LYS B 65 6.83 5.86 10.89
CA LYS B 65 5.62 5.06 10.86
C LYS B 65 4.99 5.21 9.48
N ILE B 66 4.90 4.11 8.75
CA ILE B 66 4.59 4.13 7.33
C ILE B 66 3.08 3.93 7.19
N GLU B 67 2.33 5.04 7.17
CA GLU B 67 0.88 5.01 6.98
C GLU B 67 0.50 4.79 5.52
N GLY B 68 1.46 4.74 4.60
CA GLY B 68 1.12 4.31 3.26
C GLY B 68 0.61 2.88 3.21
N ARG B 69 1.02 2.06 4.19
CA ARG B 69 0.63 0.63 4.33
C ARG B 69 -0.73 0.59 5.03
N ASN B 70 -1.78 0.95 4.29
CA ASN B 70 -3.16 1.09 4.77
C ASN B 70 -4.10 0.74 3.62
N PRO B 71 -5.39 0.45 3.86
CA PRO B 71 -6.27 0.09 2.79
C PRO B 71 -6.39 1.07 1.62
N SER B 72 -6.41 2.38 1.81
CA SER B 72 -6.38 3.34 0.65
C SER B 72 -5.04 4.08 0.56
N TYR B 73 -4.01 3.55 1.22
CA TYR B 73 -2.60 3.95 1.11
C TYR B 73 -2.36 5.39 1.59
N SER B 74 -3.14 5.81 2.58
CA SER B 74 -2.76 6.95 3.39
C SER B 74 -3.35 6.82 4.78
N VAL B 75 -2.84 7.65 5.70
CA VAL B 75 -3.35 7.77 7.06
C VAL B 75 -4.85 8.08 7.12
N1 LLP B 76 -0.25 14.54 4.62
C2 LLP B 76 -1.19 13.94 3.91
C2' LLP B 76 -0.82 13.57 2.51
C3 LLP B 76 -2.45 13.73 4.44
O3 LLP B 76 -3.34 13.14 3.69
C4 LLP B 76 -2.74 14.13 5.75
C4' LLP B 76 -4.06 13.91 6.31
C5 LLP B 76 -1.71 14.73 6.49
C6 LLP B 76 -0.50 14.91 5.88
C5' LLP B 76 -1.86 15.28 7.86
OP4 LLP B 76 -2.35 14.41 8.92
P LLP B 76 -3.43 14.99 9.86
OP1 LLP B 76 -4.47 15.40 9.00
OP2 LLP B 76 -2.94 16.09 10.56
OP3 LLP B 76 -3.90 14.05 10.76
N LLP B 76 -5.40 8.68 6.08
CA LLP B 76 -6.81 9.13 6.03
CB LLP B 76 -7.11 10.01 4.82
CG LLP B 76 -6.48 11.39 4.89
CD LLP B 76 -6.65 12.06 6.24
CE LLP B 76 -6.37 13.53 6.22
NZ LLP B 76 -5.09 13.84 5.61
C LLP B 76 -7.72 7.92 6.13
O LLP B 76 -8.79 8.10 6.56
H2'1 LLP B 76 -1.57 13.76 1.93
H2'2 LLP B 76 -0.59 12.63 2.47
H2'3 LLP B 76 -0.08 14.11 2.20
HO3 LLP B 76 -3.93 13.74 3.48
H4'1 LLP B 76 -4.15 13.82 7.25
H6 LLP B 76 0.18 15.33 6.35
H5'1 LLP B 76 -2.48 16.03 7.81
H5'2 LLP B 76 -1.00 15.63 8.16
H LLP B 76 -4.93 8.87 5.33
HA LLP B 76 -6.97 9.67 6.84
HB2 LLP B 76 -8.08 10.11 4.73
HB3 LLP B 76 -6.78 9.56 4.02
HG2 LLP B 76 -6.88 11.95 4.20
HG3 LLP B 76 -5.52 11.31 4.69
HD2 LLP B 76 -6.05 11.63 6.88
HD3 LLP B 76 -7.57 11.92 6.54
HE2 LLP B 76 -6.37 13.87 7.15
HE3 LLP B 76 -7.08 14.00 5.73
N CYS B 77 -7.27 6.71 5.77
CA CYS B 77 -8.02 5.45 5.93
C CYS B 77 -8.57 5.34 7.36
N ARG B 78 -7.75 5.61 8.39
CA ARG B 78 -8.16 5.56 9.80
C ARG B 78 -9.29 6.56 10.08
N ILE B 79 -9.26 7.79 9.55
CA ILE B 79 -10.35 8.70 9.92
C ILE B 79 -11.55 8.50 9.01
N GLY B 80 -11.35 8.04 7.78
CA GLY B 80 -12.49 7.69 6.94
C GLY B 80 -13.33 6.60 7.59
N ALA B 81 -12.67 5.54 8.06
CA ALA B 81 -13.39 4.44 8.68
C ALA B 81 -14.04 4.91 9.97
N ASN B 82 -13.32 5.65 10.81
CA ASN B 82 -13.88 5.94 12.12
C ASN B 82 -14.98 7.00 12.07
N MET B 83 -14.90 7.97 11.16
CA MET B 83 -15.97 8.95 11.11
C MET B 83 -17.29 8.30 10.72
N VAL B 84 -17.22 7.33 9.81
CA VAL B 84 -18.37 6.51 9.42
C VAL B 84 -18.83 5.66 10.60
N TRP B 85 -17.90 4.89 11.19
CA TRP B 85 -18.25 4.05 12.33
C TRP B 85 -18.99 4.83 13.41
N GLN B 86 -18.47 6.03 13.73
CA GLN B 86 -18.99 6.76 14.87
C GLN B 86 -20.32 7.41 14.56
N ALA B 87 -20.52 7.83 13.31
CA ALA B 87 -21.83 8.35 12.91
C ALA B 87 -22.87 7.24 12.85
N GLU B 88 -22.45 6.01 12.58
CA GLU B 88 -23.35 4.86 12.68
C GLU B 88 -23.74 4.62 14.12
N LYS B 89 -22.74 4.58 15.01
CA LYS B 89 -22.99 4.36 16.42
C LYS B 89 -23.89 5.43 17.01
N ASP B 90 -23.79 6.66 16.50
CA ASP B 90 -24.57 7.81 16.99
C ASP B 90 -25.95 7.91 16.36
N GLY B 91 -26.29 7.08 15.38
CA GLY B 91 -27.56 7.22 14.71
C GLY B 91 -27.60 8.30 13.65
N THR B 92 -26.54 9.08 13.48
CA THR B 92 -26.55 10.09 12.42
C THR B 92 -26.30 9.49 11.04
N LEU B 93 -25.68 8.31 10.96
CA LEU B 93 -25.51 7.60 9.70
C LEU B 93 -26.27 6.28 9.79
N THR B 94 -27.29 6.13 8.94
CA THR B 94 -28.18 4.97 8.99
C THR B 94 -28.50 4.50 7.57
N LYS B 95 -28.91 3.25 7.47
CA LYS B 95 -29.16 2.66 6.16
C LYS B 95 -30.08 3.55 5.34
N GLY B 96 -29.65 3.83 4.12
CA GLY B 96 -30.36 4.72 3.23
C GLY B 96 -29.78 6.11 3.17
N LYS B 97 -29.08 6.56 4.19
CA LYS B 97 -28.41 7.88 4.18
C LYS B 97 -27.18 7.77 3.29
N GLU B 98 -26.83 8.86 2.65
CA GLU B 98 -25.74 9.02 1.68
C GLU B 98 -24.71 10.00 2.25
N ILE B 99 -23.43 9.77 2.00
CA ILE B 99 -22.33 10.64 2.44
C ILE B 99 -22.13 11.70 1.35
N VAL B 100 -21.94 12.95 1.71
CA VAL B 100 -21.66 14.09 0.83
C VAL B 100 -20.45 14.71 1.50
N GLU B 101 -19.41 15.03 0.72
CA GLU B 101 -18.14 15.62 1.20
C GLU B 101 -17.38 16.39 0.14
N PRO B 102 -16.78 17.57 0.44
CA PRO B 102 -15.91 18.23 -0.51
C PRO B 102 -14.56 17.50 -0.46
N THR B 103 -13.83 17.42 -1.55
CA THR B 103 -12.56 16.65 -1.57
C THR B 103 -11.49 17.29 -2.47
N SER B 104 -10.24 17.33 -2.00
CA SER B 104 -9.00 17.79 -2.64
C SER B 104 -7.91 16.74 -2.42
N GLY B 105 -8.16 15.53 -1.91
CA GLY B 105 -7.07 14.63 -1.52
C GLY B 105 -7.42 13.27 -0.92
N ASN B 106 -6.72 12.83 0.13
CA ASN B 106 -6.75 11.48 0.68
C ASN B 106 -8.01 11.17 1.48
N THR B 107 -8.67 12.17 2.07
CA THR B 107 -9.88 11.86 2.82
C THR B 107 -11.02 11.46 1.87
N GLY B 108 -11.11 12.11 0.71
CA GLY B 108 -12.10 11.71 -0.27
C GLY B 108 -11.92 10.27 -0.73
N ILE B 109 -10.68 9.89 -1.04
CA ILE B 109 -10.39 8.51 -1.41
C ILE B 109 -10.75 7.56 -0.27
N ALA B 110 -10.32 7.88 0.96
CA ALA B 110 -10.59 7.02 2.10
C ALA B 110 -12.10 6.85 2.32
N LEU B 111 -12.85 7.94 2.28
CA LEU B 111 -14.31 7.83 2.47
C LEU B 111 -14.96 7.04 1.34
N ALA B 112 -14.52 7.25 0.10
CA ALA B 112 -15.03 6.48 -1.04
C ALA B 112 -14.95 4.98 -0.77
N TYR B 113 -13.77 4.48 -0.38
CA TYR B 113 -13.67 3.03 -0.23
C TYR B 113 -14.40 2.55 1.03
N VAL B 114 -14.44 3.33 2.12
CA VAL B 114 -15.26 2.93 3.25
C VAL B 114 -16.74 2.87 2.85
N ALA B 115 -17.21 3.87 2.10
CA ALA B 115 -18.60 3.87 1.66
C ALA B 115 -18.90 2.67 0.75
N ALA B 116 -18.00 2.41 -0.20
CA ALA B 116 -18.18 1.22 -1.02
C ALA B 116 -18.16 -0.04 -0.15
N ALA B 117 -17.22 -0.11 0.81
CA ALA B 117 -17.11 -1.31 1.62
C ALA B 117 -18.31 -1.51 2.53
N ARG B 118 -19.03 -0.44 2.88
CA ARG B 118 -20.13 -0.53 3.81
C ARG B 118 -21.49 -0.23 3.18
N GLY B 119 -21.57 -0.20 1.85
CA GLY B 119 -22.84 -0.10 1.16
C GLY B 119 -23.48 1.27 1.12
N TYR B 120 -22.72 2.35 1.33
CA TYR B 120 -23.26 3.71 1.28
C TYR B 120 -23.05 4.36 -0.08
N LYS B 121 -24.05 5.11 -0.51
CA LYS B 121 -23.82 5.98 -1.66
C LYS B 121 -23.06 7.18 -1.10
N ILE B 122 -22.17 7.72 -1.88
CA ILE B 122 -21.34 8.85 -1.51
C ILE B 122 -21.20 9.79 -2.68
N THR B 123 -21.31 11.10 -2.40
CA THR B 123 -21.10 12.16 -3.37
C THR B 123 -19.91 12.99 -2.92
N LEU B 124 -19.00 13.24 -3.86
CA LEU B 124 -17.83 14.06 -3.56
C LEU B 124 -17.89 15.29 -4.44
N THR B 125 -17.77 16.47 -3.88
CA THR B 125 -17.71 17.68 -4.69
C THR B 125 -16.23 17.94 -4.88
N MET B 126 -15.79 18.36 -6.06
CA MET B 126 -14.35 18.64 -6.28
C MET B 126 -14.19 19.62 -7.45
N PRO B 127 -13.15 20.49 -7.47
CA PRO B 127 -13.01 21.45 -8.56
C PRO B 127 -12.78 20.70 -9.88
N GLU B 128 -13.41 21.15 -10.98
CA GLU B 128 -13.32 20.55 -12.34
C GLU B 128 -11.89 20.56 -12.90
N THR B 129 -11.01 21.35 -12.28
CA THR B 129 -9.54 21.49 -12.46
C THR B 129 -8.70 20.33 -11.86
N MET B 130 -9.27 19.27 -11.35
CA MET B 130 -8.47 18.20 -10.69
C MET B 130 -7.91 17.22 -11.74
N SER B 131 -7.02 16.29 -11.42
CA SER B 131 -6.51 15.37 -12.44
C SER B 131 -7.58 14.42 -12.99
N LEU B 132 -7.33 13.92 -14.18
CA LEU B 132 -8.10 12.85 -14.86
C LEU B 132 -7.95 11.59 -14.01
N GLU B 133 -6.72 11.37 -13.58
CA GLU B 133 -6.32 10.20 -12.79
C GLU B 133 -7.08 10.23 -11.47
N ARG B 134 -7.26 11.41 -10.88
CA ARG B 134 -8.00 11.47 -9.58
C ARG B 134 -9.49 11.26 -9.85
N LYS B 135 -10.04 11.77 -10.96
CA LYS B 135 -11.45 11.58 -11.37
C LYS B 135 -11.71 10.09 -11.58
N ARG B 136 -10.89 9.40 -12.35
CA ARG B 136 -11.16 8.00 -12.67
C ARG B 136 -11.05 7.13 -11.43
N LEU B 137 -10.11 7.40 -10.53
CA LEU B 137 -9.96 6.62 -9.27
C LEU B 137 -11.24 6.73 -8.42
N LEU B 138 -11.74 7.94 -8.16
CA LEU B 138 -12.96 8.16 -7.36
C LEU B 138 -14.14 7.58 -8.10
N CYS B 139 -14.27 7.84 -9.39
CA CYS B 139 -15.41 7.26 -10.13
C CYS B 139 -15.22 5.75 -10.07
N GLY B 140 -13.99 5.17 -10.14
CA GLY B 140 -13.74 3.75 -9.99
C GLY B 140 -14.23 3.18 -8.68
N LEU B 141 -14.20 3.98 -7.61
CA LEU B 141 -14.66 3.54 -6.30
C LEU B 141 -16.16 3.63 -6.13
N GLY B 142 -16.88 4.09 -7.15
CA GLY B 142 -18.32 4.19 -7.08
C GLY B 142 -18.82 5.55 -6.65
N VAL B 143 -17.96 6.55 -6.64
CA VAL B 143 -18.32 7.88 -6.15
C VAL B 143 -19.24 8.56 -7.15
N ASN B 144 -20.25 9.25 -6.64
CA ASN B 144 -21.00 10.19 -7.46
C ASN B 144 -20.17 11.48 -7.50
N LEU B 145 -19.44 11.73 -8.58
CA LEU B 145 -18.58 12.89 -8.76
C LEU B 145 -19.36 14.12 -9.23
N VAL B 146 -19.31 15.25 -8.53
CA VAL B 146 -19.93 16.49 -9.04
C VAL B 146 -18.78 17.48 -9.16
N LEU B 147 -18.43 17.91 -10.37
CA LEU B 147 -17.30 18.84 -10.54
C LEU B 147 -17.82 20.26 -10.41
N THR B 148 -17.10 21.13 -9.72
CA THR B 148 -17.51 22.51 -9.50
C THR B 148 -16.68 23.44 -10.39
N GLU B 149 -17.04 24.74 -10.34
CA GLU B 149 -16.33 25.75 -11.12
C GLU B 149 -14.85 25.77 -10.74
N GLY B 150 -13.97 25.46 -11.71
CA GLY B 150 -12.54 25.50 -11.46
C GLY B 150 -12.07 26.86 -10.99
N ALA B 151 -12.69 27.93 -11.51
CA ALA B 151 -12.34 29.27 -11.06
C ALA B 151 -12.58 29.45 -9.56
N LYS B 152 -13.59 28.79 -9.01
CA LYS B 152 -13.90 28.93 -7.59
C LYS B 152 -13.01 28.07 -6.70
N GLY B 153 -12.27 27.13 -7.28
CA GLY B 153 -11.35 26.26 -6.54
C GLY B 153 -12.05 25.45 -5.46
N MET B 154 -11.35 25.17 -4.36
CA MET B 154 -11.82 24.39 -3.19
C MET B 154 -12.96 25.13 -2.54
N LYS B 155 -12.89 26.46 -2.51
CA LYS B 155 -13.95 27.26 -1.86
C LYS B 155 -15.29 26.87 -2.50
N GLY B 156 -15.38 26.77 -3.85
CA GLY B 156 -16.56 26.42 -4.62
C GLY B 156 -17.00 24.98 -4.40
N ALA B 157 -16.06 24.10 -4.07
CA ALA B 157 -16.43 22.73 -3.78
C ALA B 157 -17.00 22.58 -2.37
N ILE B 158 -16.50 23.35 -1.40
CA ILE B 158 -17.13 23.34 -0.09
C ILE B 158 -18.56 23.86 -0.18
N ALA B 159 -18.72 24.95 -0.92
CA ALA B 159 -20.02 25.62 -1.12
C ALA B 159 -21.01 24.62 -1.71
N LYS B 160 -20.65 23.95 -2.79
CA LYS B 160 -21.54 23.00 -3.45
C LYS B 160 -21.91 21.84 -2.53
N ALA B 161 -20.93 21.30 -1.80
CA ALA B 161 -21.23 20.23 -0.84
C ALA B 161 -22.30 20.67 0.16
N GLU B 162 -22.17 21.85 0.72
CA GLU B 162 -23.14 22.37 1.72
C GLU B 162 -24.51 22.60 1.07
N GLU B 163 -24.56 23.14 -0.13
CA GLU B 163 -25.80 23.38 -0.90
C GLU B 163 -26.50 22.03 -1.06
N ILE B 164 -25.75 20.97 -1.35
CA ILE B 164 -26.26 19.59 -1.54
C ILE B 164 -26.80 19.08 -0.22
N VAL B 165 -26.16 19.22 0.90
CA VAL B 165 -26.75 18.70 2.15
C VAL B 165 -27.99 19.52 2.54
N ALA B 166 -28.01 20.83 2.31
CA ALA B 166 -29.13 21.73 2.70
C ALA B 166 -30.38 21.44 1.87
N SER B 167 -30.20 20.97 0.64
CA SER B 167 -31.30 20.63 -0.29
C SER B 167 -32.10 19.45 0.24
N ASP B 168 -31.49 18.53 1.00
CA ASP B 168 -32.17 17.32 1.54
C ASP B 168 -31.46 16.82 2.81
N PRO B 169 -31.61 17.44 3.99
CA PRO B 169 -30.97 16.93 5.20
C PRO B 169 -31.40 15.51 5.60
N SER B 170 -32.59 15.08 5.21
CA SER B 170 -33.13 13.73 5.48
C SER B 170 -32.18 12.66 4.92
N ARG B 171 -31.57 12.87 3.76
CA ARG B 171 -30.76 11.79 3.16
C ARG B 171 -29.26 12.02 3.17
N TYR B 172 -28.79 13.23 3.39
CA TYR B 172 -27.38 13.53 3.22
C TYR B 172 -26.70 13.70 4.57
N VAL B 173 -25.45 13.24 4.67
CA VAL B 173 -24.61 13.43 5.83
C VAL B 173 -23.25 13.91 5.37
N MET B 174 -22.72 14.96 6.01
CA MET B 174 -21.39 15.49 5.79
C MET B 174 -20.53 15.19 7.01
N LEU B 175 -19.44 14.46 6.84
CA LEU B 175 -18.60 14.05 7.98
C LEU B 175 -17.77 15.18 8.62
N LYS B 176 -17.17 16.07 7.83
CA LYS B 176 -16.35 17.25 8.27
C LYS B 176 -15.03 16.95 9.00
N GLN B 177 -14.05 16.38 8.30
CA GLN B 177 -12.80 15.96 8.92
C GLN B 177 -12.10 17.00 9.80
N PHE B 178 -12.22 18.30 9.62
CA PHE B 178 -11.45 19.31 10.40
C PHE B 178 -12.04 19.51 11.78
N GLU B 179 -13.29 19.15 12.00
CA GLU B 179 -13.90 19.33 13.33
C GLU B 179 -14.38 18.03 13.98
N ASN B 180 -14.57 16.94 13.26
CA ASN B 180 -15.15 15.73 13.82
C ASN B 180 -14.21 15.12 14.86
N PRO B 181 -14.60 15.01 16.13
CA PRO B 181 -13.68 14.46 17.14
C PRO B 181 -13.30 13.04 16.85
N ALA B 182 -14.08 12.33 16.02
CA ALA B 182 -13.72 10.95 15.69
C ALA B 182 -12.43 10.89 14.88
N ASN B 183 -11.97 11.98 14.31
CA ASN B 183 -10.67 12.03 13.60
C ASN B 183 -9.55 11.82 14.65
N PRO B 184 -9.28 12.75 15.59
CA PRO B 184 -8.26 12.53 16.60
C PRO B 184 -8.58 11.29 17.45
N GLN B 185 -9.85 10.98 17.69
CA GLN B 185 -10.19 9.82 18.51
C GLN B 185 -9.62 8.52 17.95
N ILE B 186 -9.67 8.31 16.62
CA ILE B 186 -9.14 7.03 16.11
C ILE B 186 -7.63 6.95 16.32
N HIS B 187 -6.93 8.09 16.23
CA HIS B 187 -5.49 8.07 16.46
C HIS B 187 -5.17 7.82 17.92
N ARG B 188 -6.03 8.29 18.82
CA ARG B 188 -5.83 7.97 20.23
C ARG B 188 -6.01 6.48 20.50
N GLU B 189 -6.92 5.84 19.78
CA GLU B 189 -7.22 4.43 20.01
C GLU B 189 -6.31 3.47 19.24
N THR B 190 -5.74 3.88 18.10
CA THR B 190 -4.97 2.96 17.26
C THR B 190 -3.55 3.46 16.99
N THR B 191 -3.39 4.59 16.31
CA THR B 191 -2.05 5.04 15.94
C THR B 191 -1.18 5.27 17.17
N GLY B 192 -1.72 5.96 18.16
CA GLY B 192 -1.01 6.20 19.39
C GLY B 192 -0.56 4.90 20.03
N PRO B 193 -1.52 4.06 20.41
CA PRO B 193 -1.16 2.77 21.02
C PRO B 193 -0.22 1.93 20.19
N GLU B 194 -0.32 1.95 18.86
CA GLU B 194 0.64 1.20 18.02
C GLU B 194 2.06 1.72 18.22
N ILE B 195 2.22 3.04 18.31
CA ILE B 195 3.55 3.61 18.55
C ILE B 195 4.06 3.17 19.91
N TRP B 196 3.19 3.20 20.92
CA TRP B 196 3.58 2.81 22.26
C TRP B 196 3.97 1.33 22.33
N LYS B 197 3.21 0.46 21.69
CA LYS B 197 3.38 -1.01 21.66
C LYS B 197 4.69 -1.36 20.95
N ASP B 198 4.89 -0.76 19.78
CA ASP B 198 6.02 -1.14 18.93
C ASP B 198 7.35 -0.56 19.42
N THR B 199 7.32 0.48 20.25
CA THR B 199 8.53 1.03 20.85
C THR B 199 8.69 0.60 22.28
N ASP B 200 7.79 -0.24 22.79
CA ASP B 200 7.77 -0.64 24.21
C ASP B 200 7.83 0.58 25.13
N GLY B 201 7.14 1.62 24.73
CA GLY B 201 7.08 2.91 25.37
C GLY B 201 8.40 3.62 25.51
N LYS B 202 9.30 3.43 24.59
CA LYS B 202 10.60 4.12 24.50
C LYS B 202 10.42 5.33 23.59
N VAL B 203 9.31 5.47 22.83
CA VAL B 203 9.09 6.72 22.10
C VAL B 203 9.27 7.91 23.05
N ASP B 204 10.13 8.86 22.68
CA ASP B 204 10.27 10.13 23.39
C ASP B 204 9.70 11.31 22.64
N VAL B 205 9.70 11.27 21.30
CA VAL B 205 9.26 12.37 20.46
C VAL B 205 8.36 11.80 19.36
N VAL B 206 7.25 12.48 19.09
CA VAL B 206 6.43 12.18 17.92
C VAL B 206 6.49 13.41 17.02
N VAL B 207 6.83 13.21 15.74
CA VAL B 207 6.82 14.28 14.75
C VAL B 207 5.75 13.98 13.71
N ALA B 208 4.85 14.94 13.49
CA ALA B 208 3.75 14.75 12.57
C ALA B 208 3.42 16.09 11.92
N GLY B 209 3.37 16.10 10.58
CA GLY B 209 2.77 17.23 9.89
C GLY B 209 1.31 17.39 10.27
N VAL B 210 0.83 18.63 10.22
CA VAL B 210 -0.54 18.97 10.61
C VAL B 210 -1.31 19.31 9.35
N GLY B 211 -2.35 18.54 9.07
CA GLY B 211 -3.35 18.93 8.09
C GLY B 211 -4.66 19.21 8.81
N THR B 212 -5.38 18.17 9.21
CA THR B 212 -6.49 18.34 10.13
C THR B 212 -6.03 18.45 11.57
N GLY B 213 -4.80 18.02 11.87
CA GLY B 213 -4.32 17.94 13.22
C GLY B 213 -4.71 16.68 13.98
N GLY B 214 -5.54 15.82 13.40
CA GLY B 214 -6.03 14.66 14.14
C GLY B 214 -4.92 13.69 14.54
N SER B 215 -3.94 13.46 13.69
CA SER B 215 -2.82 12.54 13.99
C SER B 215 -2.06 12.99 15.23
N ILE B 216 -1.51 14.21 15.19
CA ILE B 216 -0.71 14.78 16.30
C ILE B 216 -1.58 14.86 17.55
N THR B 217 -2.83 15.30 17.47
CA THR B 217 -3.65 15.43 18.67
C THR B 217 -3.99 14.07 19.27
N GLY B 218 -4.40 13.09 18.46
CA GLY B 218 -4.79 11.80 19.02
C GLY B 218 -3.62 10.97 19.53
N ILE B 219 -2.49 10.99 18.81
CA ILE B 219 -1.32 10.26 19.28
C ILE B 219 -0.81 10.85 20.60
N SER B 220 -0.71 12.19 20.66
CA SER B 220 -0.23 12.83 21.87
C SER B 220 -1.13 12.53 23.07
N ARG B 221 -2.45 12.58 22.88
CA ARG B 221 -3.36 12.29 23.98
C ARG B 221 -3.18 10.87 24.49
N ALA B 222 -3.05 9.92 23.58
CA ALA B 222 -2.85 8.53 23.97
C ALA B 222 -1.60 8.38 24.81
N ILE B 223 -0.47 8.93 24.35
CA ILE B 223 0.80 8.69 25.03
C ILE B 223 0.90 9.53 26.29
N LYS B 224 0.60 10.82 26.20
CA LYS B 224 0.67 11.68 27.37
C LYS B 224 -0.39 11.31 28.41
N LEU B 225 -1.64 11.18 27.99
CA LEU B 225 -2.71 10.95 28.96
C LEU B 225 -2.94 9.46 29.25
N ASP B 226 -3.09 8.60 28.23
CA ASP B 226 -3.41 7.20 28.54
C ASP B 226 -2.18 6.41 28.99
N PHE B 227 -1.01 6.68 28.42
CA PHE B 227 0.18 5.96 28.84
C PHE B 227 1.02 6.76 29.80
N GLY B 228 0.67 8.02 30.05
CA GLY B 228 1.30 8.82 31.09
C GLY B 228 2.77 9.10 30.88
N LYS B 229 3.19 9.34 29.63
CA LYS B 229 4.57 9.72 29.33
C LYS B 229 4.56 11.09 28.67
N GLN B 230 5.25 12.05 29.28
CA GLN B 230 5.30 13.40 28.75
C GLN B 230 6.35 13.44 27.64
N ILE B 231 5.97 12.90 26.48
CA ILE B 231 6.82 12.97 25.30
C ILE B 231 6.78 14.38 24.75
N THR B 232 7.69 14.67 23.83
CA THR B 232 7.67 15.94 23.10
C THR B 232 6.85 15.74 21.81
N SER B 233 5.79 16.55 21.64
CA SER B 233 4.96 16.49 20.45
C SER B 233 5.33 17.64 19.52
N VAL B 234 5.76 17.30 18.30
CA VAL B 234 6.21 18.28 17.32
C VAL B 234 5.22 18.30 16.16
N ALA B 235 4.61 19.45 15.95
CA ALA B 235 3.83 19.71 14.73
C ALA B 235 4.74 20.25 13.64
N VAL B 236 4.41 19.94 12.39
CA VAL B 236 5.23 20.33 11.25
C VAL B 236 4.34 21.02 10.23
N GLU B 237 4.58 22.13 9.77
CA GLU B 237 3.78 22.93 8.85
C GLU B 237 4.70 23.52 7.77
N PRO B 238 4.39 24.01 6.55
CA PRO B 238 5.26 24.71 5.65
C PRO B 238 5.84 26.05 6.10
N VAL B 239 7.10 26.35 5.83
CA VAL B 239 7.63 27.71 5.96
C VAL B 239 6.71 28.69 5.25
N GLU B 240 6.24 28.30 4.06
CA GLU B 240 5.38 29.17 3.26
C GLU B 240 4.08 29.56 3.97
N SER B 241 3.69 28.83 5.02
CA SER B 241 2.36 29.00 5.61
C SER B 241 2.38 28.71 7.10
N PRO B 242 3.16 29.45 7.94
CA PRO B 242 3.49 28.99 9.30
C PRO B 242 2.49 29.45 10.36
N VAL B 243 1.21 29.13 10.14
CA VAL B 243 0.15 29.75 10.92
C VAL B 243 0.10 29.19 12.34
N ILE B 244 0.57 27.99 12.58
CA ILE B 244 0.71 27.43 13.95
C ILE B 244 1.80 28.18 14.71
N SER B 245 2.95 28.37 14.07
CA SER B 245 4.12 29.06 14.65
C SER B 245 3.72 30.51 14.97
N GLN B 246 3.08 31.17 14.01
CA GLN B 246 2.65 32.57 14.09
C GLN B 246 1.61 32.69 15.19
N THR B 247 0.63 31.80 15.21
CA THR B 247 -0.39 31.84 16.26
C THR B 247 0.24 31.65 17.64
N LEU B 248 1.11 30.65 17.78
CA LEU B 248 1.73 30.39 19.07
C LEU B 248 2.70 31.48 19.49
N ALA B 249 3.34 32.16 18.53
CA ALA B 249 4.29 33.23 18.84
C ALA B 249 3.62 34.57 19.10
N GLY B 250 2.30 34.68 18.92
CA GLY B 250 1.63 35.95 19.03
C GLY B 250 1.88 36.91 17.88
N GLU B 251 1.99 36.39 16.65
CA GLU B 251 2.25 37.19 15.46
C GLU B 251 1.07 37.08 14.50
N GLU B 252 1.00 38.03 13.57
CA GLU B 252 -0.04 38.02 12.55
C GLU B 252 0.05 36.78 11.68
N VAL B 253 -1.10 36.17 11.41
CA VAL B 253 -1.15 34.94 10.65
C VAL B 253 -1.10 35.29 9.17
N LYS B 254 -0.14 34.69 8.47
CA LYS B 254 0.17 35.00 7.07
C LYS B 254 0.15 33.69 6.30
N PRO B 255 -1.00 33.12 5.99
CA PRO B 255 -1.02 31.90 5.17
C PRO B 255 -0.42 32.17 3.79
N GLY B 256 0.17 31.13 3.21
CA GLY B 256 0.74 31.23 1.89
C GLY B 256 0.61 29.93 1.11
N PRO B 257 0.80 30.01 -0.20
CA PRO B 257 0.71 28.81 -1.03
C PRO B 257 2.01 28.02 -1.00
N HIS B 258 1.87 26.69 -1.09
CA HIS B 258 3.01 25.80 -0.98
C HIS B 258 2.71 24.54 -1.77
N LYS B 259 3.66 23.59 -1.72
CA LYS B 259 3.55 22.35 -2.48
C LYS B 259 3.55 21.12 -1.58
N ILE B 260 3.43 21.28 -0.28
CA ILE B 260 3.46 20.14 0.65
C ILE B 260 2.02 19.68 0.86
N GLN B 261 1.48 18.98 -0.13
CA GLN B 261 0.12 18.40 -0.20
C GLN B 261 -0.18 17.65 1.09
N GLY B 262 -1.33 17.91 1.72
CA GLY B 262 -1.75 17.25 2.97
C GLY B 262 -1.48 18.08 4.20
N ILE B 263 -0.63 19.09 4.17
CA ILE B 263 -0.43 19.92 5.35
C ILE B 263 -0.63 21.38 4.97
N GLY B 264 -0.46 22.25 5.94
CA GLY B 264 -0.52 23.69 5.71
C GLY B 264 -1.83 24.18 5.12
N ALA B 265 -2.94 23.90 5.80
CA ALA B 265 -4.24 24.36 5.32
C ALA B 265 -4.48 25.87 5.50
N GLY B 266 -3.58 26.59 6.18
CA GLY B 266 -3.75 28.03 6.32
C GLY B 266 -4.71 28.48 7.40
N PHE B 267 -5.06 27.60 8.34
CA PHE B 267 -5.81 27.97 9.54
C PHE B 267 -5.47 26.96 10.61
N ILE B 268 -5.90 27.24 11.83
CA ILE B 268 -5.69 26.27 12.92
C ILE B 268 -6.93 25.39 12.98
N PRO B 269 -6.84 24.17 12.45
CA PRO B 269 -8.03 23.30 12.42
C PRO B 269 -8.48 22.96 13.83
N LYS B 270 -9.78 22.78 14.01
CA LYS B 270 -10.40 22.52 15.32
C LYS B 270 -9.86 21.22 15.89
N ASN B 271 -9.55 20.22 15.06
CA ASN B 271 -9.00 18.95 15.51
C ASN B 271 -7.51 19.03 15.83
N LEU B 272 -6.91 20.22 15.86
CA LEU B 272 -5.57 20.43 16.42
C LEU B 272 -5.75 21.05 17.80
N ASP B 273 -5.41 20.29 18.85
CA ASP B 273 -5.45 20.80 20.21
C ASP B 273 -4.13 21.51 20.50
N LEU B 274 -4.15 22.85 20.48
CA LEU B 274 -2.91 23.61 20.64
C LEU B 274 -2.21 23.30 21.95
N SER B 275 -2.93 22.80 22.95
CA SER B 275 -2.35 22.66 24.28
C SER B 275 -1.49 21.40 24.45
N ILE B 276 -1.53 20.43 23.53
CA ILE B 276 -0.54 19.34 23.65
C ILE B 276 0.63 19.49 22.68
N ILE B 277 0.73 20.62 21.98
CA ILE B 277 1.85 20.86 21.07
C ILE B 277 3.03 21.40 21.87
N ASP B 278 4.18 20.72 21.80
CA ASP B 278 5.35 21.22 22.52
C ASP B 278 6.27 22.05 21.64
N ARG B 279 6.17 21.88 20.33
CA ARG B 279 7.14 22.44 19.41
C ARG B 279 6.57 22.42 18.00
N VAL B 280 6.89 23.44 17.21
CA VAL B 280 6.48 23.53 15.82
C VAL B 280 7.73 23.72 14.97
N GLU B 281 7.91 22.84 13.99
CA GLU B 281 9.00 22.95 13.02
C GLU B 281 8.43 23.29 11.65
N THR B 282 9.13 24.13 10.91
CA THR B 282 8.69 24.59 9.60
C THR B 282 9.64 24.07 8.55
N VAL B 283 9.09 23.52 7.48
CA VAL B 283 9.88 23.00 6.37
C VAL B 283 9.35 23.61 5.08
N ASP B 284 10.28 24.04 4.22
CA ASP B 284 9.83 24.58 2.96
C ASP B 284 9.65 23.46 1.94
N SER B 285 8.88 23.77 0.89
CA SER B 285 8.52 22.75 -0.09
C SER B 285 9.75 22.11 -0.71
N ASP B 286 10.79 22.91 -0.97
CA ASP B 286 12.00 22.37 -1.59
C ASP B 286 12.65 21.33 -0.70
N THR B 287 12.77 21.63 0.60
CA THR B 287 13.39 20.67 1.51
C THR B 287 12.56 19.40 1.64
N ALA B 288 11.24 19.54 1.68
CA ALA B 288 10.36 18.39 1.75
C ALA B 288 10.53 17.51 0.51
N LEU B 289 10.56 18.13 -0.67
CA LEU B 289 10.67 17.23 -1.82
C LEU B 289 12.07 16.62 -1.86
N ALA B 290 13.15 17.36 -1.60
CA ALA B 290 14.48 16.75 -1.52
C ALA B 290 14.52 15.63 -0.48
N THR B 291 13.87 15.82 0.67
CA THR B 291 13.93 14.78 1.71
C THR B 291 13.16 13.55 1.28
N ALA B 292 12.03 13.72 0.58
CA ALA B 292 11.30 12.56 0.07
C ALA B 292 12.18 11.76 -0.88
N ARG B 293 12.89 12.45 -1.78
CA ARG B 293 13.80 11.77 -2.71
C ARG B 293 14.93 11.05 -1.98
N ARG B 294 15.43 11.62 -0.88
CA ARG B 294 16.44 10.91 -0.10
C ARG B 294 15.85 9.62 0.46
N LEU B 295 14.67 9.71 1.07
CA LEU B 295 14.05 8.51 1.64
C LEU B 295 13.96 7.42 0.59
N MET B 296 13.58 7.79 -0.63
CA MET B 296 13.43 6.85 -1.72
C MET B 296 14.77 6.24 -2.10
N ALA B 297 15.75 7.10 -2.40
CA ALA B 297 17.03 6.64 -2.95
C ALA B 297 17.90 5.99 -1.86
N GLU B 298 17.90 6.53 -0.66
CA GLU B 298 18.82 6.07 0.36
C GLU B 298 18.23 5.03 1.31
N GLU B 299 16.91 5.02 1.51
CA GLU B 299 16.30 4.04 2.41
C GLU B 299 15.36 3.08 1.70
N GLY B 300 15.01 3.33 0.45
CA GLY B 300 14.06 2.47 -0.23
C GLY B 300 12.65 2.61 0.27
N ILE B 301 12.30 3.78 0.80
CA ILE B 301 10.99 4.05 1.35
C ILE B 301 10.30 5.05 0.43
N LEU B 302 9.11 4.68 -0.05
CA LEU B 302 8.32 5.55 -0.93
C LEU B 302 7.37 6.38 -0.09
N ALA B 303 7.58 7.69 -0.12
CA ALA B 303 6.83 8.58 0.76
C ALA B 303 6.46 9.86 0.02
N GLY B 304 5.25 10.37 0.31
CA GLY B 304 4.81 11.62 -0.25
C GLY B 304 5.62 12.80 0.26
N ILE B 305 5.37 13.94 -0.36
CA ILE B 305 6.15 15.14 -0.02
C ILE B 305 5.93 15.55 1.43
N SER B 306 4.72 15.36 1.97
CA SER B 306 4.47 15.68 3.38
C SER B 306 5.21 14.71 4.30
N SER B 307 5.36 13.46 3.87
CA SER B 307 6.26 12.55 4.57
C SER B 307 7.68 13.11 4.58
N GLY B 308 8.14 13.69 3.47
CA GLY B 308 9.46 14.27 3.43
C GLY B 308 9.61 15.45 4.37
N ALA B 309 8.60 16.32 4.41
CA ALA B 309 8.64 17.45 5.34
C ALA B 309 8.76 16.96 6.78
N ALA B 310 8.00 15.91 7.13
CA ALA B 310 8.04 15.38 8.49
C ALA B 310 9.42 14.84 8.85
N VAL B 311 10.08 14.16 7.90
CA VAL B 311 11.41 13.60 8.16
C VAL B 311 12.44 14.72 8.28
N ALA B 312 12.42 15.69 7.35
CA ALA B 312 13.38 16.78 7.45
C ALA B 312 13.28 17.48 8.82
N ALA B 313 12.06 17.67 9.32
CA ALA B 313 11.92 18.21 10.66
C ALA B 313 12.56 17.28 11.68
N ALA B 314 12.26 15.98 11.60
CA ALA B 314 12.79 15.04 12.58
C ALA B 314 14.32 14.98 12.52
N ASP B 315 14.87 14.96 11.31
CA ASP B 315 16.31 14.93 11.16
C ASP B 315 16.94 16.17 11.79
N ARG B 316 16.39 17.35 11.45
CA ARG B 316 16.88 18.58 12.05
C ARG B 316 16.91 18.47 13.58
N LEU B 317 15.85 17.96 14.19
CA LEU B 317 15.85 17.84 15.64
C LEU B 317 16.84 16.79 16.10
N ALA B 318 16.95 15.68 15.36
CA ALA B 318 17.76 14.57 15.81
C ALA B 318 19.23 14.95 15.93
N LYS B 319 19.66 15.96 15.18
CA LYS B 319 21.03 16.48 15.19
C LYS B 319 21.31 17.42 16.36
N LEU B 320 20.28 17.89 17.05
CA LEU B 320 20.48 18.80 18.18
C LEU B 320 20.79 18.02 19.46
N PRO B 321 21.60 18.59 20.36
CA PRO B 321 21.93 17.88 21.61
C PRO B 321 20.70 17.52 22.43
N GLU B 322 19.70 18.40 22.43
CA GLU B 322 18.50 18.15 23.22
C GLU B 322 17.89 16.80 22.89
N PHE B 323 17.79 16.49 21.60
CA PHE B 323 17.13 15.26 21.17
C PHE B 323 18.12 14.18 20.72
N ALA B 324 19.42 14.41 20.90
CA ALA B 324 20.41 13.44 20.42
C ALA B 324 20.19 12.06 21.02
N ASP B 325 19.67 11.99 22.25
CA ASP B 325 19.46 10.73 22.94
C ASP B 325 17.98 10.40 23.09
N LYS B 326 17.14 10.87 22.16
CA LYS B 326 15.70 10.67 22.22
C LYS B 326 15.25 9.82 21.06
N LEU B 327 14.31 8.90 21.32
CA LEU B 327 13.74 8.09 20.24
C LEU B 327 12.62 8.87 19.57
N ILE B 328 12.83 9.24 18.31
CA ILE B 328 11.87 10.08 17.60
C ILE B 328 11.08 9.21 16.63
N VAL B 329 9.75 9.36 16.67
CA VAL B 329 8.82 8.62 15.81
C VAL B 329 8.13 9.61 14.87
N VAL B 330 8.29 9.39 13.56
CA VAL B 330 7.88 10.27 12.48
C VAL B 330 6.69 9.67 11.74
N ILE B 331 5.55 10.35 11.66
CA ILE B 331 4.43 9.88 10.86
C ILE B 331 4.71 10.16 9.39
N LEU B 332 4.64 9.12 8.55
CA LEU B 332 4.66 9.29 7.10
C LEU B 332 3.25 9.11 6.57
N PRO B 333 2.52 10.19 6.25
CA PRO B 333 1.07 10.06 6.04
C PRO B 333 0.70 9.22 4.83
N SER B 334 1.55 9.17 3.81
CA SER B 334 1.19 8.51 2.57
C SER B 334 2.45 8.21 1.80
N ALA B 335 2.33 7.28 0.87
CA ALA B 335 3.41 7.06 -0.11
C ALA B 335 3.07 7.90 -1.33
N SER C 34 9.62 -7.50 22.04
CA SER C 34 9.24 -6.39 22.96
C SER C 34 9.18 -5.09 22.16
N MET C 35 10.00 -5.01 21.12
CA MET C 35 10.04 -3.87 20.20
C MET C 35 9.74 -4.40 18.80
N ALA C 36 9.04 -3.65 17.97
CA ALA C 36 8.73 -4.02 16.59
C ALA C 36 9.17 -2.86 15.69
N ILE C 37 10.48 -2.74 15.54
CA ILE C 37 11.10 -1.69 14.73
C ILE C 37 11.95 -2.39 13.68
N TYR C 38 11.55 -2.29 12.43
CA TYR C 38 12.28 -2.97 11.37
C TYR C 38 13.59 -2.24 11.07
N ALA C 39 14.67 -3.03 10.95
CA ALA C 39 16.01 -2.45 10.73
C ALA C 39 16.12 -1.81 9.35
N ASP C 40 15.37 -2.28 8.35
CA ASP C 40 15.27 -1.59 7.06
C ASP C 40 13.97 -2.02 6.40
N ASN C 41 13.66 -1.40 5.25
CA ASN C 41 12.33 -1.54 4.67
C ASN C 41 12.10 -2.96 4.13
N SER C 42 13.17 -3.69 3.81
CA SER C 42 13.04 -5.07 3.35
C SER C 42 12.43 -5.97 4.41
N TYR C 43 12.66 -5.69 5.70
CA TYR C 43 12.10 -6.58 6.72
C TYR C 43 10.62 -6.36 6.97
N SER C 44 10.01 -5.30 6.44
CA SER C 44 8.59 -5.03 6.71
C SER C 44 7.65 -5.80 5.79
N ILE C 45 8.12 -6.79 5.03
CA ILE C 45 7.26 -7.48 4.09
C ILE C 45 6.12 -8.24 4.79
N GLY C 46 4.98 -8.36 4.11
CA GLY C 46 3.99 -9.36 4.50
C GLY C 46 3.06 -8.97 5.65
N ASN C 47 2.58 -10.00 6.35
CA ASN C 47 1.48 -9.85 7.29
C ASN C 47 0.33 -9.07 6.67
N THR C 48 -0.06 -9.49 5.46
CA THR C 48 -1.13 -8.84 4.70
C THR C 48 -2.50 -9.30 5.19
N PRO C 49 -3.53 -8.46 5.04
CA PRO C 49 -4.84 -8.79 5.62
C PRO C 49 -5.73 -9.67 4.76
N LEU C 50 -6.65 -10.37 5.45
CA LEU C 50 -7.69 -11.24 4.89
C LEU C 50 -8.99 -10.44 5.03
N VAL C 51 -9.72 -10.19 3.97
CA VAL C 51 -10.98 -9.42 4.02
C VAL C 51 -12.04 -10.28 3.34
N ARG C 52 -13.20 -10.51 3.96
CA ARG C 52 -14.27 -11.29 3.36
C ARG C 52 -15.01 -10.47 2.33
N LEU C 53 -15.28 -11.08 1.17
CA LEU C 53 -16.05 -10.43 0.11
C LEU C 53 -17.55 -10.54 0.37
N LYS C 54 -18.29 -9.43 0.25
CA LYS C 54 -19.75 -9.36 0.42
C LYS C 54 -20.52 -9.59 -0.88
N HIS C 55 -19.92 -9.45 -2.07
CA HIS C 55 -20.69 -9.52 -3.32
C HIS C 55 -20.14 -10.57 -4.28
N PHE C 56 -19.44 -11.57 -3.75
CA PHE C 56 -18.87 -12.67 -4.51
C PHE C 56 -19.02 -13.93 -3.68
N GLY C 57 -18.96 -15.07 -4.34
CA GLY C 57 -18.98 -16.33 -3.61
C GLY C 57 -20.37 -16.66 -3.07
N HIS C 58 -20.38 -17.65 -2.17
CA HIS C 58 -21.61 -18.21 -1.65
C HIS C 58 -21.55 -18.16 -0.13
N ASN C 59 -22.43 -17.35 0.46
CA ASN C 59 -22.52 -17.26 1.92
C ASN C 59 -21.17 -16.90 2.56
N GLY C 60 -20.41 -16.02 1.92
CA GLY C 60 -19.19 -15.52 2.53
C GLY C 60 -17.98 -16.43 2.44
N ASN C 61 -17.94 -17.32 1.44
CA ASN C 61 -16.89 -18.33 1.39
C ASN C 61 -15.66 -17.87 0.60
N VAL C 62 -15.70 -16.67 0.05
CA VAL C 62 -14.57 -16.11 -0.69
C VAL C 62 -13.93 -15.04 0.19
N VAL C 63 -12.67 -15.25 0.51
CA VAL C 63 -11.86 -14.39 1.36
C VAL C 63 -10.59 -14.06 0.59
N VAL C 64 -10.26 -12.76 0.52
CA VAL C 64 -9.13 -12.28 -0.26
C VAL C 64 -7.99 -11.86 0.68
N LYS C 65 -6.78 -12.06 0.19
CA LYS C 65 -5.55 -11.65 0.86
C LYS C 65 -4.96 -10.52 0.04
N ILE C 66 -4.88 -9.32 0.63
CA ILE C 66 -4.53 -8.07 -0.08
C ILE C 66 -3.01 -7.83 -0.05
N GLU C 67 -2.30 -8.41 -1.01
CA GLU C 67 -0.85 -8.26 -1.09
C GLU C 67 -0.44 -6.90 -1.60
N GLY C 68 -1.37 -6.03 -1.96
CA GLY C 68 -1.11 -4.60 -2.19
C GLY C 68 -0.62 -3.89 -0.94
N ARG C 69 -1.07 -4.33 0.24
CA ARG C 69 -0.70 -3.78 1.57
C ARG C 69 0.71 -4.32 1.91
N ASN C 70 1.73 -3.79 1.24
CA ASN C 70 3.10 -4.29 1.31
C ASN C 70 4.05 -3.16 0.99
N PRO C 71 5.36 -3.28 1.31
CA PRO C 71 6.35 -2.31 0.84
C PRO C 71 6.44 -2.51 -0.69
N SER C 72 6.34 -1.45 -1.51
CA SER C 72 6.31 -1.43 -3.00
C SER C 72 4.93 -1.83 -3.56
N TYR C 73 3.95 -2.02 -2.71
CA TYR C 73 2.52 -2.21 -3.04
C TYR C 73 2.21 -3.48 -3.85
N SER C 74 3.00 -4.55 -3.70
CA SER C 74 2.75 -5.82 -4.40
C SER C 74 3.32 -7.01 -3.62
N VAL C 75 2.85 -8.19 -4.00
CA VAL C 75 3.23 -9.56 -3.61
C VAL C 75 4.74 -9.72 -3.76
N1 LLP C 76 0.15 -10.64 -10.56
C2 LLP C 76 1.04 -9.69 -10.39
C2' LLP C 76 0.56 -8.30 -10.68
C3 LLP C 76 2.35 -10.00 -9.99
O3 LLP C 76 3.24 -9.03 -9.83
C4 LLP C 76 2.68 -11.34 -9.75
C4' LLP C 76 4.03 -11.68 -9.34
C5 LLP C 76 1.67 -12.30 -9.89
C6 LLP C 76 0.45 -11.90 -10.30
C5' LLP C 76 1.85 -13.77 -9.74
OP4 LLP C 76 2.40 -14.31 -8.52
P LLP C 76 3.56 -15.28 -8.74
OP1 LLP C 76 4.52 -14.68 -9.56
OP2 LLP C 76 3.03 -16.45 -9.29
OP3 LLP C 76 4.15 -15.60 -7.59
N LLP C 76 5.32 -9.10 -4.79
CA LLP C 76 6.74 -9.22 -5.22
CB LLP C 76 7.01 -8.56 -6.58
CG LLP C 76 6.41 -9.26 -7.78
CD LLP C 76 6.69 -10.75 -7.85
CE LLP C 76 6.32 -11.37 -9.15
NZ LLP C 76 5.00 -10.98 -9.61
C LLP C 76 7.73 -8.70 -4.18
O LLP C 76 8.84 -9.07 -4.29
H2'1 LLP C 76 1.24 -7.83 -11.19
H2'2 LLP C 76 0.41 -7.84 -9.83
H2'3 LLP C 76 -0.26 -8.34 -11.18
H4'1 LLP C 76 4.16 -12.48 -8.85
H6 LLP C 76 -0.21 -12.54 -10.43
H5'1 LLP C 76 2.49 -14.02 -10.42
H5'2 LLP C 76 1.00 -14.22 -9.94
H LLP C 76 4.83 -8.67 -5.42
HA LLP C 76 6.92 -10.19 -5.33
HB2 LLP C 76 7.97 -8.51 -6.69
HB3 LLP C 76 6.66 -7.64 -6.55
HG2 LLP C 76 6.76 -8.84 -8.60
HG3 LLP C 76 5.44 -9.13 -7.77
HD2 LLP C 76 6.20 -11.20 -7.13
HD3 LLP C 76 7.65 -10.90 -7.69
HE2 LLP C 76 6.35 -12.35 -9.06
HE3 LLP C 76 6.98 -11.11 -9.83
N CYS C 77 7.32 -7.93 -3.18
CA CYS C 77 8.25 -7.45 -2.18
C CYS C 77 8.80 -8.64 -1.37
N ARG C 78 7.97 -9.68 -1.23
CA ARG C 78 8.40 -10.85 -0.45
C ARG C 78 9.56 -11.56 -1.14
N ILE C 79 9.54 -11.66 -2.46
CA ILE C 79 10.62 -12.35 -3.16
C ILE C 79 11.75 -11.38 -3.47
N GLY C 80 11.44 -10.10 -3.68
CA GLY C 80 12.50 -9.10 -3.70
C GLY C 80 13.42 -9.25 -2.51
N ALA C 81 12.83 -9.27 -1.30
CA ALA C 81 13.63 -9.32 -0.09
C ALA C 81 14.34 -10.65 0.05
N ASN C 82 13.61 -11.76 -0.09
CA ASN C 82 14.15 -13.11 0.16
C ASN C 82 15.23 -13.53 -0.86
N MET C 83 15.17 -13.19 -2.13
CA MET C 83 16.24 -13.53 -3.09
C MET C 83 17.51 -12.73 -2.74
N VAL C 84 17.34 -11.52 -2.21
CA VAL C 84 18.50 -10.69 -1.79
C VAL C 84 19.09 -11.29 -0.50
N TRP C 85 18.24 -11.70 0.43
CA TRP C 85 18.62 -12.26 1.75
C TRP C 85 19.39 -13.58 1.56
N GLN C 86 18.97 -14.43 0.63
CA GLN C 86 19.58 -15.74 0.35
C GLN C 86 20.92 -15.60 -0.39
N ALA C 87 20.92 -14.69 -1.36
CA ALA C 87 22.12 -14.35 -2.14
C ALA C 87 23.18 -13.84 -1.16
N GLU C 88 22.82 -13.09 -0.13
CA GLU C 88 23.79 -12.70 0.91
C GLU C 88 24.23 -13.93 1.70
N LYS C 89 23.31 -14.77 2.15
CA LYS C 89 23.77 -15.95 2.91
C LYS C 89 24.42 -16.93 1.93
N ASP C 90 23.97 -17.05 0.67
CA ASP C 90 24.64 -17.89 -0.31
C ASP C 90 26.07 -17.44 -0.60
N GLY C 91 26.40 -16.18 -0.33
CA GLY C 91 27.66 -15.61 -0.77
C GLY C 91 27.67 -15.08 -2.19
N THR C 92 26.58 -15.23 -2.94
CA THR C 92 26.54 -14.77 -4.33
C THR C 92 26.25 -13.27 -4.46
N LEU C 93 25.80 -12.63 -3.40
CA LEU C 93 25.72 -11.17 -3.45
C LEU C 93 26.43 -10.63 -2.21
N THR C 94 27.47 -9.88 -2.52
CA THR C 94 28.33 -9.25 -1.54
C THR C 94 28.32 -7.76 -1.77
N LYS C 95 28.88 -7.02 -0.81
CA LYS C 95 29.03 -5.57 -0.90
C LYS C 95 29.73 -5.20 -2.20
N GLY C 96 29.26 -4.14 -2.87
CA GLY C 96 29.85 -3.74 -4.12
C GLY C 96 29.38 -4.51 -5.34
N LYS C 97 28.85 -5.71 -5.17
CA LYS C 97 28.27 -6.49 -6.27
C LYS C 97 27.01 -5.77 -6.72
N GLU C 98 26.68 -5.78 -8.00
CA GLU C 98 25.51 -5.11 -8.55
C GLU C 98 24.47 -6.13 -9.02
N ILE C 99 23.23 -5.88 -8.66
CA ILE C 99 22.14 -6.76 -9.06
C ILE C 99 21.74 -6.44 -10.50
N VAL C 100 21.45 -7.47 -11.30
CA VAL C 100 20.99 -7.33 -12.72
C VAL C 100 19.79 -8.25 -12.85
N GLU C 101 18.63 -7.77 -13.29
CA GLU C 101 17.44 -8.61 -13.40
C GLU C 101 16.56 -8.08 -14.55
N PRO C 102 16.09 -8.92 -15.47
CA PRO C 102 15.18 -8.50 -16.50
C PRO C 102 13.75 -8.59 -15.97
N THR C 103 13.09 -7.46 -15.80
CA THR C 103 11.70 -7.43 -15.32
C THR C 103 11.05 -6.12 -15.79
N SER C 104 9.87 -6.17 -16.40
CA SER C 104 9.04 -5.02 -16.72
C SER C 104 7.96 -4.77 -15.68
N GLY C 105 7.91 -5.56 -14.61
CA GLY C 105 6.77 -5.53 -13.72
C GLY C 105 7.09 -5.21 -12.28
N ASN C 106 6.26 -5.76 -11.38
CA ASN C 106 6.41 -5.48 -9.95
C ASN C 106 7.74 -5.95 -9.39
N THR C 107 8.33 -7.03 -9.92
CA THR C 107 9.59 -7.51 -9.36
C THR C 107 10.69 -6.45 -9.43
N GLY C 108 10.66 -5.61 -10.46
CA GLY C 108 11.64 -4.54 -10.57
C GLY C 108 11.52 -3.54 -9.43
N ILE C 109 10.30 -3.13 -9.11
CA ILE C 109 10.11 -2.18 -8.01
C ILE C 109 10.47 -2.84 -6.69
N ALA C 110 10.08 -4.10 -6.49
CA ALA C 110 10.43 -4.80 -5.27
C ALA C 110 11.95 -4.86 -5.07
N LEU C 111 12.68 -5.28 -6.12
CA LEU C 111 14.13 -5.36 -6.02
C LEU C 111 14.77 -3.98 -5.89
N ALA C 112 14.18 -2.97 -6.54
CA ALA C 112 14.77 -1.63 -6.48
C ALA C 112 14.77 -1.10 -5.05
N TYR C 113 13.65 -1.24 -4.35
CA TYR C 113 13.56 -0.68 -3.00
C TYR C 113 14.36 -1.52 -2.01
N VAL C 114 14.38 -2.85 -2.20
CA VAL C 114 15.24 -3.68 -1.36
C VAL C 114 16.70 -3.32 -1.58
N ALA C 115 17.08 -3.05 -2.84
CA ALA C 115 18.47 -2.69 -3.13
C ALA C 115 18.84 -1.35 -2.49
N ALA C 116 17.98 -0.34 -2.64
CA ALA C 116 18.20 0.95 -1.96
C ALA C 116 18.23 0.77 -0.45
N ALA C 117 17.29 -0.01 0.11
CA ALA C 117 17.23 -0.20 1.55
C ALA C 117 18.47 -0.89 2.11
N ARG C 118 19.19 -1.67 1.30
CA ARG C 118 20.32 -2.44 1.80
C ARG C 118 21.63 -2.03 1.14
N GLY C 119 21.64 -0.96 0.37
CA GLY C 119 22.85 -0.39 -0.16
C GLY C 119 23.50 -1.09 -1.33
N TYR C 120 22.71 -1.68 -2.22
CA TYR C 120 23.21 -2.36 -3.43
C TYR C 120 22.96 -1.49 -4.67
N LYS C 121 23.88 -1.56 -5.62
CA LYS C 121 23.68 -1.03 -6.97
C LYS C 121 22.77 -2.03 -7.68
N ILE C 122 21.92 -1.58 -8.56
CA ILE C 122 21.02 -2.46 -9.29
C ILE C 122 20.84 -1.95 -10.71
N THR C 123 20.88 -2.87 -11.66
CA THR C 123 20.49 -2.61 -13.04
C THR C 123 19.24 -3.42 -13.35
N LEU C 124 18.22 -2.76 -13.90
CA LEU C 124 17.01 -3.47 -14.36
C LEU C 124 16.96 -3.35 -15.88
N THR C 125 16.83 -4.44 -16.61
CA THR C 125 16.59 -4.35 -18.06
C THR C 125 15.10 -4.61 -18.25
N MET C 126 14.47 -3.92 -19.19
CA MET C 126 13.04 -4.10 -19.48
C MET C 126 12.73 -3.46 -20.82
N PRO C 127 11.68 -3.83 -21.57
CA PRO C 127 11.44 -3.19 -22.85
C PRO C 127 10.97 -1.74 -22.66
N GLU C 128 10.90 -0.95 -23.74
CA GLU C 128 10.62 0.52 -23.69
C GLU C 128 9.14 0.94 -23.62
N THR C 129 8.23 -0.02 -23.45
CA THR C 129 6.78 0.01 -23.19
C THR C 129 6.50 0.34 -21.72
N MET C 130 7.49 0.51 -20.85
CA MET C 130 7.24 0.85 -19.45
C MET C 130 6.41 2.12 -19.33
N SER C 131 5.47 2.18 -18.37
CA SER C 131 4.84 3.44 -18.02
C SER C 131 5.90 4.50 -17.71
N LEU C 132 5.63 5.75 -18.07
CA LEU C 132 6.62 6.79 -17.82
C LEU C 132 6.70 7.16 -16.34
N GLU C 133 5.61 7.01 -15.59
CA GLU C 133 5.72 7.14 -14.16
C GLU C 133 6.58 6.01 -13.59
N ARG C 134 6.46 4.81 -14.17
CA ARG C 134 7.30 3.69 -13.75
C ARG C 134 8.77 3.99 -13.97
N LYS C 135 9.11 4.65 -15.09
CA LYS C 135 10.51 5.01 -15.31
C LYS C 135 11.00 5.94 -14.20
N ARG C 136 10.25 7.01 -13.93
CA ARG C 136 10.65 7.97 -12.89
C ARG C 136 10.69 7.32 -11.51
N LEU C 137 9.75 6.41 -11.23
CA LEU C 137 9.77 5.68 -9.97
C LEU C 137 11.08 4.90 -9.81
N LEU C 138 11.42 4.09 -10.82
CA LEU C 138 12.63 3.28 -10.73
C LEU C 138 13.88 4.15 -10.64
N CYS C 139 13.97 5.20 -11.46
CA CYS C 139 15.19 5.97 -11.28
C CYS C 139 15.14 6.75 -9.97
N GLY C 140 13.98 7.19 -9.50
CA GLY C 140 13.91 7.74 -8.15
C GLY C 140 14.45 6.78 -7.11
N LEU C 141 14.23 5.47 -7.30
CA LEU C 141 14.79 4.48 -6.40
C LEU C 141 16.28 4.27 -6.62
N GLY C 142 16.86 4.89 -7.64
CA GLY C 142 18.26 4.70 -7.90
C GLY C 142 18.58 3.53 -8.81
N VAL C 143 17.62 3.06 -9.60
CA VAL C 143 17.83 1.96 -10.53
C VAL C 143 18.63 2.47 -11.73
N ASN C 144 19.66 1.71 -12.12
CA ASN C 144 20.24 1.90 -13.44
C ASN C 144 19.33 1.22 -14.45
N LEU C 145 18.50 2.00 -15.15
CA LEU C 145 17.48 1.51 -16.08
C LEU C 145 18.12 1.27 -17.47
N VAL C 146 18.11 0.05 -17.97
CA VAL C 146 18.65 -0.29 -19.31
C VAL C 146 17.42 -0.68 -20.14
N LEU C 147 17.01 0.13 -21.10
CA LEU C 147 15.79 -0.13 -21.87
C LEU C 147 16.12 -0.89 -23.16
N THR C 148 15.24 -1.79 -23.59
CA THR C 148 15.40 -2.58 -24.79
C THR C 148 14.14 -2.46 -25.63
N GLU C 149 14.23 -2.92 -26.88
CA GLU C 149 13.18 -2.68 -27.86
C GLU C 149 11.87 -3.33 -27.43
N GLY C 150 10.79 -2.56 -27.47
CA GLY C 150 9.50 -3.12 -27.11
C GLY C 150 9.08 -4.27 -28.00
N ALA C 151 9.53 -4.26 -29.26
CA ALA C 151 9.21 -5.34 -30.19
C ALA C 151 9.93 -6.64 -29.84
N LYS C 152 11.03 -6.58 -29.09
CA LYS C 152 11.70 -7.78 -28.63
C LYS C 152 11.13 -8.31 -27.31
N GLY C 153 10.22 -7.59 -26.69
CA GLY C 153 9.55 -7.98 -25.45
C GLY C 153 10.47 -8.47 -24.33
N MET C 154 9.98 -9.38 -23.50
CA MET C 154 10.78 -9.84 -22.35
C MET C 154 12.03 -10.56 -22.83
N LYS C 155 11.99 -11.19 -24.00
CA LYS C 155 13.12 -11.94 -24.53
C LYS C 155 14.31 -11.01 -24.81
N GLY C 156 14.06 -9.84 -25.39
CA GLY C 156 15.13 -8.86 -25.55
C GLY C 156 15.70 -8.37 -24.24
N ALA C 157 14.85 -8.19 -23.22
CA ALA C 157 15.37 -7.71 -21.92
C ALA C 157 16.13 -8.80 -21.20
N ILE C 158 15.65 -10.05 -21.28
CA ILE C 158 16.40 -11.16 -20.71
C ILE C 158 17.76 -11.27 -21.37
N ALA C 159 17.81 -11.15 -22.69
CA ALA C 159 19.10 -11.27 -23.40
C ALA C 159 20.05 -10.15 -23.00
N LYS C 160 19.55 -8.92 -22.91
CA LYS C 160 20.43 -7.83 -22.51
C LYS C 160 20.92 -8.01 -21.07
N ALA C 161 20.06 -8.47 -20.17
CA ALA C 161 20.51 -8.74 -18.81
C ALA C 161 21.62 -9.77 -18.79
N GLU C 162 21.43 -10.90 -19.49
CA GLU C 162 22.49 -11.90 -19.57
C GLU C 162 23.78 -11.32 -20.15
N GLU C 163 23.66 -10.51 -21.21
CA GLU C 163 24.86 -9.90 -21.79
C GLU C 163 25.60 -9.05 -20.77
N ILE C 164 24.87 -8.25 -19.98
CA ILE C 164 25.52 -7.38 -19.01
C ILE C 164 26.30 -8.21 -17.99
N VAL C 165 25.69 -9.28 -17.48
CA VAL C 165 26.34 -10.13 -16.50
C VAL C 165 27.57 -10.81 -17.13
N ALA C 166 27.40 -11.38 -18.32
CA ALA C 166 28.50 -12.08 -18.98
C ALA C 166 29.74 -11.18 -19.14
N SER C 167 29.50 -9.88 -19.37
CA SER C 167 30.47 -8.79 -19.55
C SER C 167 31.48 -8.70 -18.40
N ASP C 168 31.09 -9.18 -17.23
CA ASP C 168 31.90 -9.09 -15.97
C ASP C 168 31.22 -9.90 -14.88
N PRO C 169 31.20 -11.25 -14.94
CA PRO C 169 30.50 -12.06 -13.97
C PRO C 169 30.80 -11.77 -12.50
N SER C 170 32.03 -11.43 -12.17
CA SER C 170 32.52 -11.08 -10.82
C SER C 170 31.82 -9.82 -10.28
N ARG C 171 31.43 -8.92 -11.16
CA ARG C 171 30.82 -7.63 -10.79
C ARG C 171 29.29 -7.71 -10.64
N TYR C 172 28.62 -8.73 -11.17
CA TYR C 172 27.17 -8.75 -11.21
C TYR C 172 26.60 -10.06 -10.68
N VAL C 173 25.32 -10.05 -10.35
CA VAL C 173 24.56 -11.25 -9.94
C VAL C 173 23.13 -11.12 -10.51
N MET C 174 22.61 -12.15 -11.17
CA MET C 174 21.22 -12.16 -11.63
C MET C 174 20.46 -13.10 -10.70
N LEU C 175 19.39 -12.61 -10.08
CA LEU C 175 18.61 -13.40 -9.11
C LEU C 175 17.64 -14.37 -9.80
N LYS C 176 17.22 -14.13 -11.05
CA LYS C 176 16.36 -15.07 -11.82
C LYS C 176 15.08 -15.58 -11.13
N GLN C 177 14.18 -14.66 -10.83
CA GLN C 177 12.89 -14.87 -10.16
C GLN C 177 12.10 -16.10 -10.65
N PHE C 178 12.20 -16.46 -11.91
CA PHE C 178 11.44 -17.61 -12.41
C PHE C 178 12.03 -18.95 -11.96
N GLU C 179 13.35 -19.03 -11.68
CA GLU C 179 13.99 -20.28 -11.27
C GLU C 179 14.47 -20.27 -9.82
N ASN C 180 14.72 -19.11 -9.23
CA ASN C 180 15.35 -19.04 -7.91
C ASN C 180 14.44 -19.66 -6.85
N PRO C 181 14.92 -20.64 -6.06
CA PRO C 181 14.04 -21.24 -5.04
C PRO C 181 13.70 -20.31 -3.87
N ALA C 182 14.43 -19.24 -3.63
CA ALA C 182 14.05 -18.27 -2.59
C ALA C 182 12.67 -17.67 -2.89
N ASN C 183 12.24 -17.64 -4.14
CA ASN C 183 10.91 -17.14 -4.56
C ASN C 183 9.83 -18.00 -3.89
N PRO C 184 9.57 -19.25 -4.26
CA PRO C 184 8.56 -20.04 -3.56
C PRO C 184 8.89 -20.27 -2.07
N GLN C 185 10.17 -20.31 -1.68
CA GLN C 185 10.58 -20.51 -0.27
C GLN C 185 10.01 -19.41 0.62
N ILE C 186 10.04 -18.14 0.23
CA ILE C 186 9.57 -17.12 1.16
C ILE C 186 8.05 -17.22 1.33
N HIS C 187 7.32 -17.64 0.30
CA HIS C 187 5.84 -17.78 0.44
C HIS C 187 5.56 -19.04 1.26
N ARG C 188 6.42 -20.05 1.28
CA ARG C 188 6.25 -21.15 2.20
C ARG C 188 6.48 -20.71 3.64
N GLU C 189 7.37 -19.76 3.86
CA GLU C 189 7.68 -19.33 5.20
C GLU C 189 6.80 -18.19 5.70
N THR C 190 6.23 -17.38 4.81
CA THR C 190 5.44 -16.24 5.27
C THR C 190 4.01 -16.28 4.74
N THR C 191 3.82 -16.15 3.42
CA THR C 191 2.46 -16.07 2.88
C THR C 191 1.60 -17.25 3.33
N GLY C 192 2.12 -18.47 3.22
CA GLY C 192 1.39 -19.66 3.61
C GLY C 192 0.95 -19.63 5.07
N PRO C 193 1.93 -19.60 5.98
CA PRO C 193 1.57 -19.52 7.42
C PRO C 193 0.64 -18.37 7.77
N GLU C 194 0.74 -17.21 7.11
CA GLU C 194 -0.21 -16.16 7.40
C GLU C 194 -1.63 -16.58 7.08
N ILE C 195 -1.81 -17.29 5.95
CA ILE C 195 -3.13 -17.81 5.60
C ILE C 195 -3.55 -18.86 6.61
N TRP C 196 -2.63 -19.77 6.95
CA TRP C 196 -2.93 -20.76 7.98
C TRP C 196 -3.33 -20.10 9.30
N LYS C 197 -2.49 -19.19 9.80
CA LYS C 197 -2.79 -18.50 11.05
C LYS C 197 -4.11 -17.72 11.00
N ASP C 198 -4.31 -16.90 9.95
CA ASP C 198 -5.44 -15.98 9.93
C ASP C 198 -6.78 -16.68 9.74
N THR C 199 -6.79 -17.87 9.15
CA THR C 199 -8.03 -18.67 8.97
C THR C 199 -8.17 -19.72 10.08
N ASP C 200 -7.30 -19.72 11.08
CA ASP C 200 -7.33 -20.66 12.21
C ASP C 200 -7.34 -22.08 11.63
N GLY C 201 -6.63 -22.29 10.52
CA GLY C 201 -6.49 -23.59 9.85
C GLY C 201 -7.72 -24.06 9.07
N LYS C 202 -8.72 -23.23 8.83
CA LYS C 202 -9.91 -23.72 8.12
C LYS C 202 -9.92 -23.32 6.64
N VAL C 203 -8.84 -22.76 6.10
CA VAL C 203 -8.73 -22.57 4.65
C VAL C 203 -8.88 -23.91 3.97
N ASP C 204 -9.71 -23.98 2.91
CA ASP C 204 -9.87 -25.20 2.12
C ASP C 204 -9.35 -25.06 0.70
N VAL C 205 -9.39 -23.87 0.11
CA VAL C 205 -9.02 -23.66 -1.29
C VAL C 205 -8.12 -22.43 -1.35
N VAL C 206 -7.08 -22.49 -2.18
CA VAL C 206 -6.24 -21.32 -2.46
C VAL C 206 -6.29 -21.08 -3.97
N VAL C 207 -6.69 -19.87 -4.34
CA VAL C 207 -6.77 -19.47 -5.76
C VAL C 207 -5.70 -18.42 -5.99
N ALA C 208 -4.77 -18.70 -6.89
CA ALA C 208 -3.66 -17.78 -7.14
C ALA C 208 -3.34 -17.76 -8.63
N GLY C 209 -3.36 -16.57 -9.24
CA GLY C 209 -2.77 -16.40 -10.56
C GLY C 209 -1.31 -16.80 -10.54
N VAL C 210 -0.82 -17.27 -11.69
CA VAL C 210 0.55 -17.75 -11.79
C VAL C 210 1.35 -16.80 -12.65
N GLY C 211 2.40 -16.22 -12.08
CA GLY C 211 3.37 -15.49 -12.85
C GLY C 211 4.68 -16.26 -12.87
N THR C 212 5.45 -16.19 -11.77
CA THR C 212 6.56 -17.08 -11.55
C THR C 212 6.11 -18.41 -10.96
N GLY C 213 4.87 -18.49 -10.47
CA GLY C 213 4.40 -19.65 -9.76
C GLY C 213 4.80 -19.73 -8.31
N GLY C 214 5.68 -18.83 -7.84
CA GLY C 214 6.18 -18.93 -6.48
C GLY C 214 5.09 -18.86 -5.43
N SER C 215 4.11 -17.98 -5.57
CA SER C 215 3.01 -17.83 -4.59
C SER C 215 2.27 -19.16 -4.39
N ILE C 216 1.62 -19.68 -5.42
CA ILE C 216 0.85 -20.94 -5.40
C ILE C 216 1.77 -22.07 -4.97
N THR C 217 3.01 -22.12 -5.46
CA THR C 217 3.95 -23.18 -5.10
C THR C 217 4.20 -23.12 -3.60
N GLY C 218 4.66 -21.99 -3.05
CA GLY C 218 5.11 -21.88 -1.66
C GLY C 218 3.95 -21.98 -0.69
N ILE C 219 2.81 -21.39 -1.03
CA ILE C 219 1.63 -21.49 -0.17
C ILE C 219 1.18 -22.94 -0.06
N SER C 220 1.08 -23.63 -1.20
CA SER C 220 0.65 -25.04 -1.19
C SER C 220 1.61 -25.89 -0.35
N ARG C 221 2.91 -25.77 -0.58
CA ARG C 221 3.87 -26.53 0.23
C ARG C 221 3.69 -26.25 1.71
N ALA C 222 3.49 -24.97 2.07
CA ALA C 222 3.31 -24.62 3.47
C ALA C 222 2.11 -25.35 4.07
N ILE C 223 0.98 -25.32 3.38
CA ILE C 223 -0.26 -25.83 3.96
C ILE C 223 -0.40 -27.33 3.79
N LYS C 224 -0.10 -27.85 2.60
CA LYS C 224 -0.23 -29.29 2.36
C LYS C 224 0.84 -30.08 3.11
N LEU C 225 2.07 -29.58 3.13
CA LEU C 225 3.15 -30.37 3.74
C LEU C 225 3.42 -29.95 5.19
N ASP C 226 3.71 -28.69 5.50
CA ASP C 226 4.00 -28.28 6.91
C ASP C 226 2.74 -28.43 7.77
N PHE C 227 1.61 -27.86 7.35
CA PHE C 227 0.36 -27.91 8.13
C PHE C 227 -0.41 -29.21 7.79
N GLY C 228 -0.01 -29.98 6.77
CA GLY C 228 -0.59 -31.28 6.48
C GLY C 228 -2.07 -31.30 6.17
N LYS C 229 -2.61 -30.23 5.57
CA LYS C 229 -4.00 -30.19 5.16
C LYS C 229 -4.09 -30.21 3.64
N GLN C 230 -4.89 -31.13 3.09
CA GLN C 230 -4.94 -31.34 1.65
C GLN C 230 -6.01 -30.42 1.03
N ILE C 231 -5.67 -29.13 1.01
CA ILE C 231 -6.52 -28.11 0.38
C ILE C 231 -6.54 -28.32 -1.12
N THR C 232 -7.44 -27.63 -1.80
CA THR C 232 -7.47 -27.58 -3.26
C THR C 232 -6.66 -26.37 -3.72
N SER C 233 -5.51 -26.63 -4.36
CA SER C 233 -4.66 -25.56 -4.90
C SER C 233 -5.05 -25.26 -6.34
N VAL C 234 -5.42 -24.01 -6.61
CA VAL C 234 -6.01 -23.61 -7.88
C VAL C 234 -5.15 -22.55 -8.53
N ALA C 235 -4.57 -22.86 -9.69
CA ALA C 235 -3.84 -21.87 -10.45
C ALA C 235 -4.76 -21.17 -11.45
N VAL C 236 -4.47 -19.90 -11.70
CA VAL C 236 -5.27 -19.06 -12.57
C VAL C 236 -4.38 -18.49 -13.66
N GLU C 237 -4.84 -18.55 -14.89
CA GLU C 237 -4.05 -18.12 -16.03
C GLU C 237 -5.02 -17.50 -17.03
N PRO C 238 -4.50 -16.83 -18.06
CA PRO C 238 -5.39 -16.17 -19.03
C PRO C 238 -5.97 -17.16 -20.03
N VAL C 239 -7.24 -16.97 -20.40
CA VAL C 239 -7.89 -17.76 -21.47
C VAL C 239 -7.02 -17.66 -22.73
N GLU C 240 -6.46 -16.47 -22.96
CA GLU C 240 -5.61 -16.12 -24.11
C GLU C 240 -4.31 -16.92 -24.18
N SER C 241 -3.72 -17.27 -23.05
CA SER C 241 -2.42 -17.98 -22.98
C SER C 241 -2.53 -19.12 -21.97
N PRO C 242 -3.30 -20.20 -22.18
CA PRO C 242 -3.45 -21.21 -21.15
C PRO C 242 -2.42 -22.34 -21.25
N VAL C 243 -1.16 -22.00 -21.08
CA VAL C 243 -0.05 -22.95 -21.24
C VAL C 243 -0.10 -23.98 -20.12
N ILE C 244 -0.60 -23.66 -18.94
CA ILE C 244 -0.65 -24.66 -17.88
C ILE C 244 -1.77 -25.66 -18.15
N SER C 245 -2.97 -25.16 -18.46
CA SER C 245 -4.09 -26.02 -18.80
C SER C 245 -3.70 -26.97 -19.91
N GLN C 246 -3.13 -26.42 -20.99
CA GLN C 246 -2.80 -27.20 -22.14
C GLN C 246 -1.72 -28.24 -21.82
N THR C 247 -0.74 -27.86 -21.00
CA THR C 247 0.29 -28.80 -20.61
C THR C 247 -0.31 -29.95 -19.79
N LEU C 248 -1.16 -29.63 -18.82
CA LEU C 248 -1.74 -30.68 -17.97
C LEU C 248 -2.69 -31.58 -18.74
N ALA C 249 -3.40 -31.06 -19.74
CA ALA C 249 -4.30 -31.85 -20.55
C ALA C 249 -3.58 -32.63 -21.65
N GLY C 250 -2.29 -32.37 -21.86
CA GLY C 250 -1.58 -33.04 -22.94
C GLY C 250 -1.90 -32.47 -24.31
N GLU C 251 -2.03 -31.16 -24.42
CA GLU C 251 -2.34 -30.48 -25.67
C GLU C 251 -1.17 -29.60 -26.07
N GLU C 252 -1.12 -29.27 -27.36
CA GLU C 252 -0.18 -28.28 -27.85
C GLU C 252 -0.34 -26.98 -27.07
N VAL C 253 0.75 -26.43 -26.53
CA VAL C 253 0.68 -25.14 -25.88
C VAL C 253 0.68 -24.06 -26.95
N LYS C 254 -0.22 -23.10 -26.80
CA LYS C 254 -0.33 -21.98 -27.74
C LYS C 254 -0.46 -20.70 -26.90
N PRO C 255 0.66 -20.14 -26.47
CA PRO C 255 0.62 -18.85 -25.77
C PRO C 255 0.17 -17.74 -26.72
N GLY C 256 -0.43 -16.71 -26.14
CA GLY C 256 -0.89 -15.56 -26.90
C GLY C 256 -0.95 -14.33 -26.02
N PRO C 257 -1.13 -13.17 -26.63
CA PRO C 257 -1.13 -11.92 -25.85
C PRO C 257 -2.43 -11.74 -25.07
N HIS C 258 -2.30 -11.03 -23.96
CA HIS C 258 -3.43 -10.72 -23.07
C HIS C 258 -3.10 -9.43 -22.31
N LYS C 259 -4.06 -8.98 -21.51
CA LYS C 259 -3.83 -7.75 -20.74
C LYS C 259 -3.84 -7.98 -19.22
N ILE C 260 -3.75 -9.21 -18.76
CA ILE C 260 -3.71 -9.50 -17.30
C ILE C 260 -2.26 -9.43 -16.84
N GLN C 261 -1.80 -8.21 -16.58
CA GLN C 261 -0.42 -7.89 -16.20
C GLN C 261 -0.07 -8.66 -14.92
N GLY C 262 1.05 -9.34 -14.89
CA GLY C 262 1.49 -10.16 -13.75
C GLY C 262 1.39 -11.66 -13.96
N ILE C 263 0.58 -12.18 -14.87
CA ILE C 263 0.43 -13.62 -15.05
C ILE C 263 0.55 -13.95 -16.55
N GLY C 264 0.35 -15.23 -16.88
CA GLY C 264 0.41 -15.67 -18.27
C GLY C 264 1.71 -15.37 -19.00
N ALA C 265 2.83 -15.76 -18.40
CA ALA C 265 4.13 -15.59 -19.06
C ALA C 265 4.23 -16.33 -20.40
N GLY C 266 3.38 -17.30 -20.68
CA GLY C 266 3.53 -18.08 -21.92
C GLY C 266 4.45 -19.28 -21.82
N PHE C 267 4.89 -19.65 -20.63
CA PHE C 267 5.63 -20.88 -20.41
C PHE C 267 5.31 -21.35 -18.99
N ILE C 268 5.70 -22.58 -18.68
CA ILE C 268 5.55 -23.14 -17.34
C ILE C 268 6.78 -22.72 -16.55
N PRO C 269 6.68 -21.74 -15.65
CA PRO C 269 7.89 -21.29 -14.93
C PRO C 269 8.43 -22.38 -14.04
N LYS C 270 9.75 -22.37 -13.84
CA LYS C 270 10.28 -23.46 -13.03
C LYS C 270 9.89 -23.32 -11.57
N ASN C 271 9.60 -22.12 -11.06
CA ASN C 271 9.05 -22.01 -9.71
C ASN C 271 7.56 -22.39 -9.63
N LEU C 272 6.98 -22.93 -10.70
CA LEU C 272 5.65 -23.54 -10.56
C LEU C 272 5.81 -25.04 -10.53
N ASP C 273 5.43 -25.62 -9.38
CA ASP C 273 5.50 -27.07 -9.17
C ASP C 273 4.17 -27.68 -9.60
N LEU C 274 4.14 -28.22 -10.82
CA LEU C 274 2.89 -28.76 -11.37
C LEU C 274 2.29 -29.82 -10.45
N SER C 275 3.10 -30.52 -9.65
CA SER C 275 2.61 -31.62 -8.83
C SER C 275 1.70 -31.16 -7.68
N ILE C 276 1.77 -29.91 -7.24
CA ILE C 276 0.88 -29.49 -6.16
C ILE C 276 -0.29 -28.66 -6.68
N ILE C 277 -0.47 -28.61 -8.00
CA ILE C 277 -1.63 -27.95 -8.59
C ILE C 277 -2.77 -28.96 -8.68
N ASP C 278 -3.91 -28.62 -8.10
CA ASP C 278 -5.09 -29.48 -8.19
C ASP C 278 -6.02 -29.09 -9.32
N ARG C 279 -6.05 -27.82 -9.71
CA ARG C 279 -7.03 -27.35 -10.67
C ARG C 279 -6.47 -26.10 -11.35
N VAL C 280 -6.90 -25.88 -12.59
CA VAL C 280 -6.52 -24.67 -13.33
C VAL C 280 -7.80 -24.00 -13.85
N GLU C 281 -8.02 -22.73 -13.51
CA GLU C 281 -9.13 -21.90 -13.98
C GLU C 281 -8.53 -20.89 -14.93
N THR C 282 -9.22 -20.58 -16.02
CA THR C 282 -8.78 -19.60 -17.02
C THR C 282 -9.71 -18.38 -16.92
N VAL C 283 -9.19 -17.16 -16.98
CA VAL C 283 -10.03 -15.92 -16.99
C VAL C 283 -9.55 -15.04 -18.14
N ASP C 284 -10.43 -14.52 -18.99
CA ASP C 284 -9.98 -13.69 -20.09
C ASP C 284 -9.77 -12.26 -19.59
N SER C 285 -9.18 -11.43 -20.46
CA SER C 285 -8.83 -10.10 -19.97
C SER C 285 -10.07 -9.27 -19.67
N ASP C 286 -11.13 -9.34 -20.49
CA ASP C 286 -12.33 -8.53 -20.22
C ASP C 286 -12.90 -8.87 -18.85
N THR C 287 -12.95 -10.16 -18.52
CA THR C 287 -13.56 -10.55 -17.27
C THR C 287 -12.73 -10.12 -16.08
N ALA C 288 -11.41 -10.27 -16.20
CA ALA C 288 -10.50 -9.83 -15.14
C ALA C 288 -10.68 -8.35 -14.87
N LEU C 289 -10.69 -7.53 -15.93
CA LEU C 289 -10.84 -6.09 -15.75
C LEU C 289 -12.20 -5.77 -15.14
N ALA C 290 -13.28 -6.40 -15.63
CA ALA C 290 -14.60 -6.16 -15.09
C ALA C 290 -14.68 -6.54 -13.61
N THR C 291 -14.02 -7.65 -13.24
CA THR C 291 -14.04 -8.10 -11.85
C THR C 291 -13.25 -7.15 -10.95
N ALA C 292 -12.13 -6.65 -11.44
CA ALA C 292 -11.37 -5.66 -10.68
C ALA C 292 -12.22 -4.40 -10.46
N ARG C 293 -12.94 -3.95 -11.49
CA ARG C 293 -13.78 -2.77 -11.32
C ARG C 293 -14.87 -3.04 -10.30
N ARG C 294 -15.46 -4.23 -10.32
CA ARG C 294 -16.47 -4.57 -9.32
C ARG C 294 -15.87 -4.65 -7.92
N LEU C 295 -14.62 -5.11 -7.80
CA LEU C 295 -13.98 -5.14 -6.48
C LEU C 295 -13.89 -3.74 -5.90
N MET C 296 -13.50 -2.77 -6.74
CA MET C 296 -13.35 -1.42 -6.25
C MET C 296 -14.71 -0.77 -6.00
N ALA C 297 -15.67 -0.91 -6.91
CA ALA C 297 -16.94 -0.21 -6.74
C ALA C 297 -17.85 -0.90 -5.73
N GLU C 298 -17.76 -2.21 -5.58
CA GLU C 298 -18.72 -2.91 -4.72
C GLU C 298 -18.12 -3.38 -3.39
N GLU C 299 -16.81 -3.60 -3.33
CA GLU C 299 -16.18 -3.97 -2.07
C GLU C 299 -15.32 -2.84 -1.49
N GLY C 300 -15.04 -1.80 -2.26
CA GLY C 300 -14.10 -0.79 -1.81
C GLY C 300 -12.70 -1.34 -1.63
N ILE C 301 -12.29 -2.29 -2.47
CA ILE C 301 -10.96 -2.88 -2.43
C ILE C 301 -10.23 -2.48 -3.70
N LEU C 302 -9.05 -1.91 -3.54
CA LEU C 302 -8.20 -1.52 -4.68
C LEU C 302 -7.23 -2.64 -5.01
N ALA C 303 -7.32 -3.17 -6.22
CA ALA C 303 -6.37 -4.21 -6.65
C ALA C 303 -6.27 -4.21 -8.16
N GLY C 304 -5.20 -4.83 -8.66
CA GLY C 304 -4.90 -4.83 -10.08
C GLY C 304 -5.77 -5.79 -10.88
N ILE C 305 -5.56 -5.76 -12.20
CA ILE C 305 -6.34 -6.62 -13.09
C ILE C 305 -6.11 -8.09 -12.76
N SER C 306 -4.90 -8.45 -12.34
CA SER C 306 -4.64 -9.85 -12.03
C SER C 306 -5.39 -10.28 -10.77
N SER C 307 -5.64 -9.34 -9.84
CA SER C 307 -6.51 -9.67 -8.71
C SER C 307 -7.93 -9.96 -9.18
N GLY C 308 -8.43 -9.15 -10.11
CA GLY C 308 -9.75 -9.42 -10.67
C GLY C 308 -9.83 -10.80 -11.31
N ALA C 309 -8.81 -11.15 -12.10
CA ALA C 309 -8.75 -12.50 -12.66
C ALA C 309 -8.85 -13.54 -11.56
N ALA C 310 -8.06 -13.39 -10.50
CA ALA C 310 -8.06 -14.40 -9.44
C ALA C 310 -9.41 -14.48 -8.75
N VAL C 311 -10.07 -13.32 -8.57
CA VAL C 311 -11.39 -13.33 -7.93
C VAL C 311 -12.46 -13.88 -8.88
N ALA C 312 -12.36 -13.59 -10.18
CA ALA C 312 -13.32 -14.19 -11.11
C ALA C 312 -13.25 -15.70 -11.04
N ALA C 313 -12.03 -16.24 -11.03
CA ALA C 313 -11.86 -17.69 -10.95
C ALA C 313 -12.45 -18.25 -9.65
N ALA C 314 -12.14 -17.62 -8.52
CA ALA C 314 -12.63 -18.12 -7.23
C ALA C 314 -14.14 -17.98 -7.11
N ASP C 315 -14.72 -16.91 -7.68
CA ASP C 315 -16.17 -16.73 -7.63
C ASP C 315 -16.88 -17.78 -8.46
N ARG C 316 -16.33 -18.11 -9.61
CA ARG C 316 -16.85 -19.19 -10.47
C ARG C 316 -16.85 -20.48 -9.64
N LEU C 317 -15.75 -20.83 -8.98
CA LEU C 317 -15.70 -22.05 -8.19
C LEU C 317 -16.66 -21.98 -7.00
N ALA C 318 -16.76 -20.81 -6.35
CA ALA C 318 -17.51 -20.70 -5.12
C ALA C 318 -19.01 -20.96 -5.31
N LYS C 319 -19.50 -20.86 -6.54
CA LYS C 319 -20.91 -21.15 -6.74
C LYS C 319 -21.15 -22.55 -7.28
N LEU C 320 -20.15 -23.43 -7.19
CA LEU C 320 -20.22 -24.87 -7.46
C LEU C 320 -20.56 -25.65 -6.18
N PRO C 321 -21.48 -26.61 -6.28
CA PRO C 321 -21.83 -27.39 -5.08
C PRO C 321 -20.64 -27.99 -4.40
N GLU C 322 -19.67 -28.47 -5.17
CA GLU C 322 -18.44 -29.00 -4.63
C GLU C 322 -17.81 -28.07 -3.59
N PHE C 323 -17.80 -26.76 -3.87
CA PHE C 323 -17.13 -25.79 -2.99
C PHE C 323 -18.10 -24.98 -2.15
N ALA C 324 -19.38 -25.37 -2.11
CA ALA C 324 -20.39 -24.55 -1.43
C ALA C 324 -20.08 -24.35 0.05
N ASP C 325 -19.42 -25.32 0.68
CA ASP C 325 -19.09 -25.44 2.10
C ASP C 325 -17.63 -25.10 2.38
N LYS C 326 -16.86 -24.57 1.42
CA LYS C 326 -15.42 -24.48 1.55
C LYS C 326 -14.96 -23.03 1.65
N LEU C 327 -14.03 -22.77 2.56
CA LEU C 327 -13.43 -21.45 2.69
C LEU C 327 -12.36 -21.27 1.62
N ILE C 328 -12.60 -20.37 0.67
CA ILE C 328 -11.69 -20.07 -0.44
C ILE C 328 -10.89 -18.82 -0.11
N VAL C 329 -9.57 -18.92 -0.16
CA VAL C 329 -8.67 -17.78 0.03
C VAL C 329 -8.03 -17.43 -1.31
N VAL C 330 -8.19 -16.17 -1.72
CA VAL C 330 -7.75 -15.67 -3.02
C VAL C 330 -6.59 -14.71 -2.81
N ILE C 331 -5.52 -14.89 -3.58
CA ILE C 331 -4.39 -13.98 -3.56
C ILE C 331 -4.72 -12.77 -4.42
N LEU C 332 -4.62 -11.57 -3.83
CA LEU C 332 -4.71 -10.34 -4.61
C LEU C 332 -3.30 -9.81 -4.76
N PRO C 333 -2.66 -9.98 -5.93
CA PRO C 333 -1.20 -9.77 -5.98
C PRO C 333 -0.76 -8.32 -5.76
N SER C 334 -1.52 -7.34 -6.22
CA SER C 334 -1.00 -5.98 -6.27
C SER C 334 -2.12 -4.95 -6.09
N ALA C 335 -1.70 -3.70 -5.84
CA ALA C 335 -2.58 -2.54 -5.77
C ALA C 335 -3.31 -2.31 -7.09
NA NA D . -9.59 15.67 1.10
NA NA E . -0.28 12.25 -0.71
NA NA F . -0.67 -3.80 -11.03
#